data_7WCC
#
_entry.id   7WCC
#
_cell.length_a   40.800
_cell.length_b   48.480
_cell.length_c   143.820
_cell.angle_alpha   90.00
_cell.angle_beta   90.00
_cell.angle_gamma   90.00
#
_symmetry.space_group_name_H-M   'P 1 21 1'
#
loop_
_entity.id
_entity.type
_entity.pdbx_description
1 polymer ChaP
2 non-polymer 'FE (III) ION'
3 water water
#
_entity_poly.entity_id   1
_entity_poly.type   'polypeptide(L)'
_entity_poly.pdbx_seq_one_letter_code
;MAVELNHTIVLVKDKDASATFMADLLGLPKPKEMGPFAVLQLANDVSILFMDFRGEGDIVPGHCAFLISDEEFDQIFGRI
REGGIEHWADCYHREPGRINDRDGGRGVYFEDPSGHNMEIMTRPYGSGGA
;
_entity_poly.pdbx_strand_id   A,B,C,D
#
loop_
_chem_comp.id
_chem_comp.type
_chem_comp.name
_chem_comp.formula
FE non-polymer 'FE (III) ION' 'Fe 3'
#
# COMPACT_ATOMS: atom_id res chain seq x y z
N ALA A 2 32.18 -20.53 4.32
CA ALA A 2 31.21 -19.46 4.43
C ALA A 2 30.62 -19.41 5.85
N VAL A 3 30.77 -18.26 6.51
CA VAL A 3 30.38 -18.11 7.90
C VAL A 3 28.89 -17.80 7.98
N GLU A 4 28.14 -18.64 8.68
CA GLU A 4 26.70 -18.50 8.82
C GLU A 4 26.35 -18.05 10.23
N LEU A 5 25.34 -17.20 10.36
CA LEU A 5 24.74 -16.93 11.66
C LEU A 5 23.75 -18.05 11.96
N ASN A 6 24.03 -18.85 12.98
CA ASN A 6 23.23 -20.04 13.27
C ASN A 6 22.11 -19.80 14.26
N HIS A 7 22.34 -19.00 15.32
CA HIS A 7 21.25 -18.67 16.22
C HIS A 7 21.59 -17.42 16.99
N THR A 8 20.55 -16.79 17.52
CA THR A 8 20.69 -15.59 18.33
C THR A 8 19.55 -15.59 19.36
N ILE A 9 19.81 -14.99 20.51
CA ILE A 9 18.85 -14.94 21.61
C ILE A 9 18.07 -13.63 21.55
N VAL A 10 16.77 -13.71 21.80
CA VAL A 10 15.92 -12.53 21.97
C VAL A 10 15.24 -12.65 23.33
N LEU A 11 15.51 -11.67 24.20
CA LEU A 11 14.93 -11.66 25.54
C LEU A 11 13.53 -11.08 25.50
N VAL A 12 12.59 -11.75 26.16
CA VAL A 12 11.19 -11.34 26.17
C VAL A 12 10.62 -11.57 27.56
N LYS A 13 9.46 -10.94 27.82
CA LYS A 13 8.78 -11.15 29.10
C LYS A 13 8.31 -12.58 29.24
N ASP A 14 7.86 -13.19 28.14
CA ASP A 14 7.28 -14.54 28.16
C ASP A 14 7.71 -15.23 26.87
N LYS A 15 8.65 -16.16 26.97
CA LYS A 15 9.23 -16.77 25.77
C LYS A 15 8.18 -17.54 24.97
N ASP A 16 7.24 -18.20 25.66
CA ASP A 16 6.22 -18.95 24.95
C ASP A 16 5.22 -18.02 24.27
N ALA A 17 4.82 -16.94 24.95
CA ALA A 17 3.90 -15.99 24.35
C ALA A 17 4.49 -15.37 23.09
N SER A 18 5.76 -14.95 23.16
CA SER A 18 6.37 -14.28 22.01
C SER A 18 6.65 -15.25 20.87
N ALA A 19 7.20 -16.43 21.19
CA ALA A 19 7.51 -17.39 20.14
C ALA A 19 6.24 -17.87 19.44
N THR A 20 5.18 -18.12 20.20
CA THR A 20 3.93 -18.58 19.59
C THR A 20 3.27 -17.48 18.78
N PHE A 21 3.29 -16.24 19.28
CA PHE A 21 2.76 -15.12 18.51
C PHE A 21 3.48 -15.00 17.17
N MET A 22 4.81 -15.10 17.18
CA MET A 22 5.58 -14.96 15.94
C MET A 22 5.37 -16.15 15.01
N ALA A 23 5.35 -17.36 15.55
CA ALA A 23 5.15 -18.55 14.72
C ALA A 23 3.76 -18.52 14.07
N ASP A 24 2.73 -18.23 14.86
CA ASP A 24 1.38 -18.16 14.32
C ASP A 24 1.28 -17.08 13.24
N LEU A 25 1.79 -15.88 13.52
CA LEU A 25 1.67 -14.78 12.58
C LEU A 25 2.44 -15.07 11.29
N LEU A 26 3.67 -15.58 11.41
CA LEU A 26 4.50 -15.84 10.24
C LEU A 26 4.11 -17.11 9.51
N GLY A 27 3.18 -17.89 10.04
CA GLY A 27 2.76 -19.11 9.37
C GLY A 27 3.71 -20.28 9.53
N LEU A 28 4.49 -20.30 10.61
CA LEU A 28 5.50 -21.31 10.86
C LEU A 28 4.99 -22.36 11.83
N PRO A 29 5.63 -23.53 11.89
CA PRO A 29 5.22 -24.53 12.89
C PRO A 29 5.38 -24.01 14.30
N LYS A 30 4.73 -24.71 15.23
CA LYS A 30 4.82 -24.33 16.63
C LYS A 30 6.27 -24.33 17.09
N PRO A 31 6.68 -23.36 17.92
CA PRO A 31 8.07 -23.32 18.37
C PRO A 31 8.43 -24.54 19.18
N LYS A 32 9.72 -24.90 19.16
CA LYS A 32 10.22 -26.04 19.89
C LYS A 32 10.79 -25.56 21.23
N GLU A 33 10.50 -26.30 22.29
CA GLU A 33 11.09 -25.99 23.58
C GLU A 33 12.44 -26.70 23.69
N MET A 34 13.48 -25.94 24.02
CA MET A 34 14.84 -26.46 24.14
C MET A 34 15.48 -25.77 25.34
N GLY A 35 15.53 -26.48 26.47
CA GLY A 35 16.03 -25.90 27.69
C GLY A 35 15.24 -24.67 28.09
N PRO A 36 15.93 -23.56 28.34
CA PRO A 36 15.23 -22.32 28.70
C PRO A 36 14.78 -21.51 27.50
N PHE A 37 14.74 -22.12 26.32
CA PHE A 37 14.46 -21.39 25.09
C PHE A 37 13.20 -21.92 24.42
N ALA A 38 12.48 -21.01 23.77
CA ALA A 38 11.46 -21.35 22.79
C ALA A 38 12.03 -20.99 21.42
N VAL A 39 12.20 -21.99 20.57
CA VAL A 39 13.01 -21.88 19.37
C VAL A 39 12.11 -21.61 18.17
N LEU A 40 12.40 -20.52 17.46
CA LEU A 40 11.74 -20.17 16.21
C LEU A 40 12.73 -20.40 15.08
N GLN A 41 12.52 -21.46 14.29
CA GLN A 41 13.43 -21.83 13.23
C GLN A 41 13.03 -21.11 11.95
N LEU A 42 13.95 -20.36 11.36
CA LEU A 42 13.74 -19.73 10.07
C LEU A 42 14.38 -20.59 8.97
N ALA A 43 14.02 -20.26 7.72
CA ALA A 43 14.35 -21.14 6.59
C ALA A 43 15.83 -21.10 6.24
N ASN A 44 16.52 -20.00 6.51
CA ASN A 44 17.90 -19.83 6.08
C ASN A 44 18.90 -20.25 7.15
N ASP A 45 18.66 -21.40 7.77
CA ASP A 45 19.61 -22.04 8.69
C ASP A 45 19.96 -21.12 9.86
N VAL A 46 18.97 -20.39 10.35
CA VAL A 46 19.16 -19.55 11.53
C VAL A 46 17.89 -19.66 12.39
N SER A 47 18.09 -19.67 13.71
CA SER A 47 16.99 -19.75 14.66
C SER A 47 17.05 -18.58 15.62
N ILE A 48 15.88 -18.11 16.03
CA ILE A 48 15.76 -17.17 17.13
C ILE A 48 15.41 -17.94 18.39
N LEU A 49 16.22 -17.75 19.44
CA LEU A 49 15.99 -18.42 20.72
C LEU A 49 15.34 -17.40 21.65
N PHE A 50 14.02 -17.51 21.81
CA PHE A 50 13.31 -16.65 22.75
C PHE A 50 13.56 -17.15 24.17
N MET A 51 13.87 -16.23 25.07
CA MET A 51 14.27 -16.54 26.43
C MET A 51 13.59 -15.59 27.40
N ASP A 52 13.15 -16.10 28.54
CA ASP A 52 12.50 -15.25 29.54
C ASP A 52 13.50 -14.25 30.11
N PHE A 53 13.12 -12.98 30.13
CA PHE A 53 13.96 -11.96 30.72
C PHE A 53 13.95 -12.10 32.24
N ARG A 54 15.13 -12.19 32.83
CA ARG A 54 15.27 -12.33 34.27
C ARG A 54 15.69 -11.04 34.97
N GLY A 55 16.03 -10.01 34.20
CA GLY A 55 16.47 -8.76 34.78
C GLY A 55 15.34 -8.05 35.50
N GLU A 56 15.66 -6.85 35.99
CA GLU A 56 14.72 -6.12 36.82
C GLU A 56 13.92 -5.07 36.06
N GLY A 57 14.54 -4.36 35.12
CA GLY A 57 13.88 -3.31 34.38
C GLY A 57 12.99 -3.83 33.28
N ASP A 58 12.81 -3.01 32.24
CA ASP A 58 11.97 -3.34 31.11
C ASP A 58 12.81 -3.92 29.98
N ILE A 59 12.12 -4.50 29.00
CA ILE A 59 12.80 -5.07 27.83
C ILE A 59 13.40 -3.95 27.00
N VAL A 60 14.65 -4.12 26.59
CA VAL A 60 15.25 -3.25 25.58
C VAL A 60 14.80 -3.76 24.22
N PRO A 61 13.96 -3.01 23.49
CA PRO A 61 13.43 -3.52 22.23
C PRO A 61 14.53 -3.67 21.18
N GLY A 62 14.51 -4.81 20.49
CA GLY A 62 15.39 -5.07 19.38
C GLY A 62 14.67 -4.99 18.05
N HIS A 63 15.33 -5.49 17.02
CA HIS A 63 14.78 -5.46 15.67
C HIS A 63 15.12 -6.77 14.97
N CYS A 64 14.11 -7.47 14.49
CA CYS A 64 14.27 -8.64 13.63
C CYS A 64 13.43 -8.41 12.38
N ALA A 65 14.05 -8.60 11.22
CA ALA A 65 13.36 -8.42 9.94
C ALA A 65 13.42 -9.71 9.15
N PHE A 66 12.29 -10.08 8.55
CA PHE A 66 12.12 -11.35 7.88
C PHE A 66 11.84 -11.14 6.41
N LEU A 67 12.55 -11.88 5.56
CA LEU A 67 12.32 -11.87 4.13
C LEU A 67 11.40 -13.03 3.76
N ILE A 68 10.30 -12.71 3.10
CA ILE A 68 9.24 -13.68 2.81
C ILE A 68 8.83 -13.55 1.35
N SER A 69 8.09 -14.55 0.89
CA SER A 69 7.59 -14.54 -0.48
C SER A 69 6.37 -13.62 -0.59
N ASP A 70 5.98 -13.33 -1.84
CA ASP A 70 4.81 -12.49 -2.07
C ASP A 70 3.55 -13.13 -1.53
N GLU A 71 3.36 -14.43 -1.78
CA GLU A 71 2.16 -15.10 -1.28
C GLU A 71 2.14 -15.12 0.25
N GLU A 72 3.31 -15.29 0.86
CA GLU A 72 3.39 -15.25 2.33
C GLU A 72 3.06 -13.86 2.87
N PHE A 73 3.44 -12.79 2.15
CA PHE A 73 3.05 -11.46 2.60
C PHE A 73 1.53 -11.32 2.64
N ASP A 74 0.84 -11.81 1.60
CA ASP A 74 -0.61 -11.75 1.59
C ASP A 74 -1.20 -12.51 2.77
N GLN A 75 -0.62 -13.66 3.10
CA GLN A 75 -1.12 -14.45 4.22
C GLN A 75 -0.80 -13.79 5.56
N ILE A 76 0.43 -13.30 5.74
CA ILE A 76 0.84 -12.75 7.02
C ILE A 76 0.16 -11.40 7.26
N PHE A 77 0.16 -10.53 6.25
CA PHE A 77 -0.55 -9.26 6.38
C PHE A 77 -2.04 -9.48 6.56
N GLY A 78 -2.59 -10.53 5.93
CA GLY A 78 -3.97 -10.88 6.18
C GLY A 78 -4.24 -11.19 7.64
N ARG A 79 -3.31 -11.90 8.29
CA ARG A 79 -3.47 -12.19 9.71
C ARG A 79 -3.27 -10.93 10.56
N ILE A 80 -2.41 -10.02 10.12
CA ILE A 80 -2.25 -8.75 10.80
C ILE A 80 -3.56 -7.97 10.78
N ARG A 81 -4.20 -7.90 9.61
CA ARG A 81 -5.43 -7.15 9.46
C ARG A 81 -6.58 -7.81 10.22
N GLU A 82 -6.75 -9.13 10.04
CA GLU A 82 -7.89 -9.80 10.68
C GLU A 82 -7.73 -9.84 12.19
N GLY A 83 -6.50 -9.88 12.69
CA GLY A 83 -6.25 -9.91 14.12
C GLY A 83 -6.22 -8.56 14.79
N GLY A 84 -6.41 -7.48 14.03
CA GLY A 84 -6.32 -6.15 14.59
C GLY A 84 -4.96 -5.81 15.14
N ILE A 85 -3.91 -6.33 14.53
CA ILE A 85 -2.55 -6.09 15.00
C ILE A 85 -2.09 -4.72 14.53
N GLU A 86 -1.65 -3.88 15.46
CA GLU A 86 -1.14 -2.57 15.09
C GLU A 86 0.11 -2.72 14.23
N HIS A 87 0.20 -1.94 13.17
CA HIS A 87 1.31 -2.08 12.24
C HIS A 87 1.67 -0.71 11.66
N TRP A 88 2.86 -0.64 11.07
CA TRP A 88 3.40 0.60 10.53
C TRP A 88 4.17 0.29 9.26
N ALA A 89 4.28 1.30 8.39
CA ALA A 89 5.07 1.16 7.18
C ALA A 89 6.55 1.39 7.40
N ASP A 90 6.95 1.96 8.54
CA ASP A 90 8.31 2.43 8.75
C ASP A 90 8.84 1.96 10.10
N CYS A 91 10.18 1.94 10.19
CA CYS A 91 10.84 1.46 11.39
C CYS A 91 10.56 2.34 12.60
N TYR A 92 10.38 3.65 12.38
CA TYR A 92 10.15 4.59 13.47
C TYR A 92 8.67 4.72 13.83
N HIS A 93 7.80 3.99 13.15
CA HIS A 93 6.37 3.94 13.48
C HIS A 93 5.69 5.30 13.31
N ARG A 94 6.15 6.07 12.32
CA ARG A 94 5.51 7.35 12.00
C ARG A 94 4.43 7.20 10.94
N GLU A 95 4.30 6.02 10.33
CA GLU A 95 3.31 5.77 9.29
C GLU A 95 2.42 4.60 9.71
N PRO A 96 1.53 4.82 10.68
CA PRO A 96 0.70 3.71 11.16
C PRO A 96 -0.36 3.30 10.16
N GLY A 97 -0.73 2.02 10.22
CA GLY A 97 -1.80 1.49 9.40
C GLY A 97 -1.52 1.48 7.92
N ARG A 98 -0.25 1.43 7.53
CA ARG A 98 0.15 1.44 6.14
C ARG A 98 1.25 0.41 5.93
N ILE A 99 1.45 0.03 4.67
CA ILE A 99 2.57 -0.80 4.28
C ILE A 99 3.46 0.01 3.35
N ASN A 100 4.73 -0.38 3.28
CA ASN A 100 5.66 0.27 2.38
C ASN A 100 5.79 -0.52 1.08
N ASP A 101 6.35 0.13 0.07
CA ASP A 101 6.57 -0.48 -1.24
C ASP A 101 8.03 -0.36 -1.66
N ARG A 102 8.94 -0.34 -0.69
CA ARG A 102 10.35 -0.16 -0.97
C ARG A 102 10.91 -1.33 -1.77
N ASP A 103 11.87 -1.03 -2.65
CA ASP A 103 12.64 -2.04 -3.39
C ASP A 103 11.76 -2.87 -4.32
N GLY A 104 10.66 -2.28 -4.80
CA GLY A 104 9.75 -2.99 -5.66
C GLY A 104 8.97 -4.10 -4.99
N GLY A 105 9.03 -4.19 -3.67
CA GLY A 105 8.27 -5.20 -2.94
C GLY A 105 7.23 -4.60 -2.01
N ARG A 106 6.94 -5.30 -0.93
CA ARG A 106 6.01 -4.85 0.10
C ARG A 106 6.60 -5.16 1.46
N GLY A 107 6.36 -4.27 2.42
CA GLY A 107 6.87 -4.48 3.76
C GLY A 107 5.97 -3.84 4.79
N VAL A 108 6.04 -4.37 6.02
CA VAL A 108 5.26 -3.82 7.12
C VAL A 108 5.93 -4.19 8.43
N TYR A 109 5.75 -3.34 9.42
CA TYR A 109 6.31 -3.50 10.75
C TYR A 109 5.21 -3.78 11.76
N PHE A 110 5.56 -4.55 12.79
CA PHE A 110 4.64 -4.85 13.88
C PHE A 110 5.48 -5.19 15.10
N GLU A 111 4.82 -5.45 16.21
CA GLU A 111 5.52 -5.75 17.46
C GLU A 111 5.08 -7.09 18.00
N ASP A 112 6.00 -7.77 18.68
CA ASP A 112 5.66 -8.94 19.47
C ASP A 112 5.11 -8.47 20.81
N PRO A 113 4.61 -9.38 21.65
CA PRO A 113 4.06 -8.95 22.95
C PRO A 113 5.02 -8.16 23.82
N SER A 114 6.33 -8.32 23.65
CA SER A 114 7.31 -7.61 24.46
C SER A 114 7.77 -6.30 23.84
N GLY A 115 7.25 -5.93 22.67
CA GLY A 115 7.57 -4.65 22.08
C GLY A 115 8.75 -4.61 21.15
N HIS A 116 9.29 -5.76 20.77
CA HIS A 116 10.35 -5.78 19.78
C HIS A 116 9.82 -5.32 18.43
N ASN A 117 10.69 -4.65 17.68
CA ASN A 117 10.32 -4.09 16.38
C ASN A 117 10.52 -5.18 15.33
N MET A 118 9.43 -5.84 14.95
CA MET A 118 9.46 -6.89 13.95
C MET A 118 9.06 -6.32 12.59
N GLU A 119 9.59 -6.94 11.53
CA GLU A 119 9.43 -6.43 10.18
C GLU A 119 9.36 -7.58 9.21
N ILE A 120 8.49 -7.48 8.20
CA ILE A 120 8.49 -8.40 7.07
C ILE A 120 8.68 -7.60 5.79
N MET A 121 9.28 -8.26 4.80
CA MET A 121 9.65 -7.65 3.53
C MET A 121 9.65 -8.73 2.46
N THR A 122 9.31 -8.35 1.23
CA THR A 122 9.28 -9.33 0.14
C THR A 122 10.49 -9.22 -0.79
N ARG A 123 11.30 -8.19 -0.67
CA ARG A 123 12.48 -8.03 -1.51
C ARG A 123 13.65 -7.59 -0.64
N PRO A 124 14.87 -8.02 -0.99
CA PRO A 124 16.04 -7.58 -0.20
C PRO A 124 16.19 -6.07 -0.24
N TYR A 125 16.63 -5.52 0.89
CA TYR A 125 16.83 -4.07 1.01
C TYR A 125 17.90 -3.62 0.03
N GLY A 126 17.59 -2.58 -0.75
CA GLY A 126 18.51 -2.08 -1.75
C GLY A 126 18.34 -2.67 -3.13
N SER A 127 17.41 -3.63 -3.29
CA SER A 127 16.86 -4.17 -4.55
C SER A 127 16.73 -5.68 -4.42
N ALA B 2 -4.87 21.28 28.22
CA ALA B 2 -6.08 21.44 27.41
C ALA B 2 -6.53 20.11 26.81
N VAL B 3 -7.76 19.70 27.10
CA VAL B 3 -8.29 18.44 26.59
C VAL B 3 -8.89 18.71 25.21
N GLU B 4 -8.30 18.10 24.19
CA GLU B 4 -8.72 18.26 22.81
C GLU B 4 -9.38 16.99 22.34
N LEU B 5 -10.41 17.12 21.49
CA LEU B 5 -10.94 15.97 20.78
C LEU B 5 -10.04 15.74 19.57
N ASN B 6 -9.32 14.62 19.56
CA ASN B 6 -8.33 14.38 18.52
C ASN B 6 -8.90 13.61 17.33
N HIS B 7 -9.77 12.63 17.57
CA HIS B 7 -10.41 11.96 16.46
C HIS B 7 -11.67 11.26 16.93
N THR B 8 -12.54 10.96 15.96
CA THR B 8 -13.77 10.23 16.21
C THR B 8 -14.10 9.41 14.96
N ILE B 9 -14.78 8.28 15.17
CA ILE B 9 -15.13 7.35 14.10
C ILE B 9 -16.54 7.66 13.61
N VAL B 10 -16.74 7.62 12.30
CA VAL B 10 -18.05 7.69 11.69
C VAL B 10 -18.22 6.46 10.82
N LEU B 11 -19.22 5.63 11.14
CA LEU B 11 -19.48 4.40 10.42
C LEU B 11 -20.30 4.69 9.17
N VAL B 12 -19.89 4.13 8.04
CA VAL B 12 -20.53 4.35 6.74
C VAL B 12 -20.55 3.03 5.96
N LYS B 13 -21.37 3.01 4.90
CA LYS B 13 -21.41 1.85 4.01
C LYS B 13 -20.10 1.69 3.27
N ASP B 14 -19.48 2.79 2.88
CA ASP B 14 -18.26 2.78 2.08
C ASP B 14 -17.37 3.93 2.56
N LYS B 15 -16.31 3.60 3.28
CA LYS B 15 -15.47 4.63 3.89
C LYS B 15 -14.82 5.51 2.83
N ASP B 16 -14.44 4.91 1.70
CA ASP B 16 -13.79 5.68 0.64
C ASP B 16 -14.78 6.60 -0.05
N ALA B 17 -15.99 6.11 -0.33
CA ALA B 17 -17.00 6.94 -0.97
C ALA B 17 -17.35 8.14 -0.08
N SER B 18 -17.55 7.90 1.22
CA SER B 18 -17.97 8.98 2.11
C SER B 18 -16.83 9.97 2.35
N ALA B 19 -15.63 9.46 2.62
CA ALA B 19 -14.50 10.35 2.89
C ALA B 19 -14.16 11.20 1.67
N THR B 20 -14.20 10.60 0.48
CA THR B 20 -13.87 11.34 -0.73
C THR B 20 -14.94 12.37 -1.05
N PHE B 21 -16.21 12.00 -0.88
CA PHE B 21 -17.30 12.96 -1.05
C PHE B 21 -17.10 14.19 -0.16
N MET B 22 -16.78 13.95 1.11
CA MET B 22 -16.62 15.06 2.05
C MET B 22 -15.38 15.88 1.76
N ALA B 23 -14.26 15.22 1.46
CA ALA B 23 -13.03 15.95 1.14
C ALA B 23 -13.20 16.79 -0.11
N ASP B 24 -13.77 16.20 -1.17
CA ASP B 24 -14.02 16.95 -2.39
C ASP B 24 -14.94 18.14 -2.14
N LEU B 25 -16.04 17.92 -1.42
CA LEU B 25 -16.99 18.99 -1.19
C LEU B 25 -16.39 20.10 -0.33
N LEU B 26 -15.68 19.73 0.73
CA LEU B 26 -15.10 20.71 1.63
C LEU B 26 -13.82 21.32 1.10
N GLY B 27 -13.31 20.86 -0.04
CA GLY B 27 -12.11 21.43 -0.62
C GLY B 27 -10.83 20.99 0.03
N LEU B 28 -10.81 19.82 0.63
CA LEU B 28 -9.67 19.29 1.36
C LEU B 28 -8.90 18.29 0.51
N PRO B 29 -7.66 17.98 0.86
CA PRO B 29 -6.93 16.94 0.13
C PRO B 29 -7.64 15.60 0.22
N LYS B 30 -7.27 14.70 -0.68
CA LYS B 30 -7.86 13.37 -0.68
C LYS B 30 -7.66 12.72 0.69
N PRO B 31 -8.63 11.94 1.17
CA PRO B 31 -8.49 11.30 2.49
C PRO B 31 -7.29 10.37 2.53
N LYS B 32 -6.76 10.20 3.72
CA LYS B 32 -5.60 9.34 3.93
C LYS B 32 -6.02 7.95 4.39
N GLU B 33 -5.33 6.94 3.88
CA GLU B 33 -5.55 5.56 4.30
C GLU B 33 -4.80 5.27 5.59
N MET B 34 -5.52 4.76 6.59
CA MET B 34 -4.89 4.34 7.84
C MET B 34 -5.65 3.12 8.35
N GLY B 35 -5.09 1.94 8.12
CA GLY B 35 -5.76 0.72 8.51
C GLY B 35 -7.14 0.60 7.89
N PRO B 36 -8.16 0.35 8.73
CA PRO B 36 -9.52 0.22 8.20
C PRO B 36 -10.22 1.57 8.06
N PHE B 37 -9.46 2.66 8.07
CA PHE B 37 -10.03 4.00 8.10
C PHE B 37 -9.64 4.80 6.87
N ALA B 38 -10.56 5.65 6.43
CA ALA B 38 -10.28 6.75 5.52
C ALA B 38 -10.36 8.02 6.35
N VAL B 39 -9.25 8.74 6.45
CA VAL B 39 -9.08 9.80 7.44
C VAL B 39 -9.34 11.15 6.78
N LEU B 40 -10.27 11.91 7.36
CA LEU B 40 -10.56 13.28 6.94
C LEU B 40 -10.03 14.21 8.04
N GLN B 41 -8.95 14.93 7.74
CA GLN B 41 -8.30 15.80 8.71
C GLN B 41 -8.90 17.20 8.63
N LEU B 42 -9.42 17.69 9.75
CA LEU B 42 -9.90 19.06 9.83
C LEU B 42 -8.83 19.97 10.44
N ALA B 43 -9.08 21.27 10.34
CA ALA B 43 -8.03 22.24 10.64
C ALA B 43 -7.77 22.37 12.13
N ASN B 44 -8.77 22.11 12.97
CA ASN B 44 -8.64 22.34 14.41
C ASN B 44 -8.17 21.08 15.15
N ASP B 45 -7.15 20.43 14.58
CA ASP B 45 -6.46 19.32 15.25
C ASP B 45 -7.42 18.19 15.61
N VAL B 46 -8.36 17.92 14.71
CA VAL B 46 -9.30 16.81 14.89
C VAL B 46 -9.53 16.16 13.53
N SER B 47 -9.66 14.84 13.52
CA SER B 47 -9.92 14.08 12.30
C SER B 47 -11.17 13.22 12.48
N ILE B 48 -11.89 13.04 11.38
CA ILE B 48 -12.96 12.07 11.30
C ILE B 48 -12.43 10.81 10.63
N LEU B 49 -12.59 9.67 11.29
CA LEU B 49 -12.14 8.38 10.78
C LEU B 49 -13.35 7.65 10.22
N PHE B 50 -13.50 7.67 8.91
CA PHE B 50 -14.57 6.92 8.25
C PHE B 50 -14.23 5.44 8.21
N MET B 51 -15.19 4.61 8.58
CA MET B 51 -14.97 3.17 8.73
C MET B 51 -16.15 2.42 8.14
N ASP B 52 -15.86 1.32 7.43
CA ASP B 52 -16.92 0.52 6.84
C ASP B 52 -17.76 -0.14 7.93
N PHE B 53 -19.07 0.02 7.84
CA PHE B 53 -19.99 -0.61 8.78
C PHE B 53 -20.04 -2.11 8.54
N ARG B 54 -19.85 -2.89 9.60
CA ARG B 54 -19.88 -4.34 9.53
C ARG B 54 -21.15 -4.97 10.08
N GLY B 55 -22.03 -4.18 10.69
CA GLY B 55 -23.26 -4.72 11.22
C GLY B 55 -24.18 -5.19 10.12
N GLU B 56 -25.38 -5.60 10.54
CA GLU B 56 -26.34 -6.21 9.62
C GLU B 56 -27.36 -5.21 9.08
N GLY B 57 -27.85 -4.31 9.91
CA GLY B 57 -28.86 -3.36 9.50
C GLY B 57 -28.31 -2.19 8.72
N ASP B 58 -29.00 -1.06 8.81
CA ASP B 58 -28.62 0.17 8.12
C ASP B 58 -27.83 1.08 9.05
N ILE B 59 -27.24 2.12 8.45
CA ILE B 59 -26.44 3.08 9.20
C ILE B 59 -27.34 3.89 10.12
N VAL B 60 -26.92 4.06 11.37
CA VAL B 60 -27.54 5.02 12.27
C VAL B 60 -26.98 6.40 11.96
N PRO B 61 -27.78 7.31 11.41
CA PRO B 61 -27.24 8.61 11.00
C PRO B 61 -26.78 9.44 12.18
N GLY B 62 -25.60 10.04 12.03
CA GLY B 62 -25.07 10.97 13.00
C GLY B 62 -25.14 12.40 12.52
N HIS B 63 -24.42 13.26 13.22
CA HIS B 63 -24.38 14.69 12.89
C HIS B 63 -22.96 15.20 13.06
N CYS B 64 -22.41 15.78 12.00
CA CYS B 64 -21.14 16.49 12.04
C CYS B 64 -21.36 17.88 11.47
N ALA B 65 -20.94 18.90 12.19
CA ALA B 65 -21.08 20.28 11.74
C ALA B 65 -19.72 20.94 11.65
N PHE B 66 -19.51 21.67 10.56
CA PHE B 66 -18.21 22.26 10.24
C PHE B 66 -18.34 23.78 10.22
N LEU B 67 -17.41 24.45 10.89
CA LEU B 67 -17.33 25.91 10.90
C LEU B 67 -16.31 26.35 9.86
N ILE B 68 -16.74 27.22 8.94
CA ILE B 68 -15.92 27.64 7.81
C ILE B 68 -16.02 29.15 7.65
N SER B 69 -15.08 29.70 6.87
CA SER B 69 -15.06 31.12 6.58
C SER B 69 -16.07 31.48 5.50
N ASP B 70 -16.28 32.79 5.32
CA ASP B 70 -17.21 33.25 4.31
C ASP B 70 -16.77 32.85 2.90
N GLU B 71 -15.48 33.02 2.58
CA GLU B 71 -15.05 32.61 1.24
C GLU B 71 -15.16 31.11 1.09
N GLU B 72 -14.88 30.37 2.15
CA GLU B 72 -14.99 28.92 2.06
C GLU B 72 -16.44 28.49 1.84
N PHE B 73 -17.40 29.20 2.45
CA PHE B 73 -18.80 28.90 2.20
C PHE B 73 -19.15 29.10 0.73
N ASP B 74 -18.68 30.20 0.14
CA ASP B 74 -18.97 30.43 -1.28
C ASP B 74 -18.41 29.31 -2.15
N GLN B 75 -17.22 28.80 -1.80
CA GLN B 75 -16.62 27.72 -2.58
C GLN B 75 -17.36 26.41 -2.35
N ILE B 76 -17.65 26.08 -1.08
CA ILE B 76 -18.26 24.79 -0.77
C ILE B 76 -19.71 24.77 -1.22
N PHE B 77 -20.48 25.82 -0.92
CA PHE B 77 -21.85 25.87 -1.39
C PHE B 77 -21.90 25.94 -2.92
N GLY B 78 -20.89 26.55 -3.54
CA GLY B 78 -20.81 26.51 -4.99
C GLY B 78 -20.73 25.10 -5.53
N ARG B 79 -19.96 24.23 -4.85
CA ARG B 79 -19.87 22.83 -5.25
C ARG B 79 -21.16 22.08 -4.93
N ILE B 80 -21.85 22.45 -3.86
CA ILE B 80 -23.15 21.83 -3.57
C ILE B 80 -24.13 22.13 -4.70
N ARG B 81 -24.15 23.39 -5.14
CA ARG B 81 -25.03 23.79 -6.25
C ARG B 81 -24.60 23.14 -7.55
N GLU B 82 -23.31 23.18 -7.87
CA GLU B 82 -22.85 22.68 -9.16
C GLU B 82 -23.01 21.16 -9.26
N GLY B 83 -22.89 20.45 -8.14
CA GLY B 83 -23.02 19.01 -8.12
C GLY B 83 -24.43 18.49 -7.97
N GLY B 84 -25.42 19.36 -7.85
CA GLY B 84 -26.78 18.91 -7.61
C GLY B 84 -26.93 18.17 -6.29
N ILE B 85 -26.18 18.58 -5.28
CA ILE B 85 -26.26 17.92 -3.98
C ILE B 85 -27.48 18.43 -3.23
N GLU B 86 -28.31 17.49 -2.77
CA GLU B 86 -29.50 17.85 -2.02
C GLU B 86 -29.12 18.58 -0.74
N HIS B 87 -29.80 19.68 -0.44
CA HIS B 87 -29.45 20.46 0.73
C HIS B 87 -30.68 21.12 1.33
N TRP B 88 -30.55 21.54 2.58
CA TRP B 88 -31.64 22.10 3.36
C TRP B 88 -31.10 23.20 4.26
N ALA B 89 -31.98 24.14 4.61
CA ALA B 89 -31.57 25.18 5.54
C ALA B 89 -31.63 24.73 6.99
N ASP B 90 -32.28 23.61 7.28
CA ASP B 90 -32.60 23.22 8.65
C ASP B 90 -32.19 21.78 8.89
N CYS B 91 -31.96 21.47 10.17
CA CYS B 91 -31.51 20.15 10.57
C CYS B 91 -32.56 19.09 10.29
N TYR B 92 -33.84 19.44 10.32
CA TYR B 92 -34.92 18.50 10.10
C TYR B 92 -35.28 18.32 8.63
N HIS B 93 -34.61 19.04 7.73
CA HIS B 93 -34.76 18.87 6.28
C HIS B 93 -36.17 19.22 5.80
N ARG B 94 -36.81 20.20 6.45
CA ARG B 94 -38.10 20.67 5.99
C ARG B 94 -38.02 21.87 5.05
N GLU B 95 -36.82 22.43 4.86
CA GLU B 95 -36.61 23.60 4.00
C GLU B 95 -35.61 23.26 2.91
N PRO B 96 -36.02 22.46 1.92
CA PRO B 96 -35.08 22.05 0.87
C PRO B 96 -34.71 23.20 -0.05
N GLY B 97 -33.49 23.14 -0.57
CA GLY B 97 -33.04 24.14 -1.52
C GLY B 97 -32.86 25.51 -0.92
N ARG B 98 -32.57 25.60 0.38
CA ARG B 98 -32.41 26.88 1.05
C ARG B 98 -31.18 26.82 1.93
N ILE B 99 -30.67 28.00 2.28
CA ILE B 99 -29.66 28.13 3.31
C ILE B 99 -30.24 28.98 4.44
N ASN B 100 -29.69 28.81 5.63
CA ASN B 100 -30.15 29.58 6.78
C ASN B 100 -29.25 30.78 7.01
N ASP B 101 -29.72 31.70 7.85
CA ASP B 101 -28.97 32.90 8.18
C ASP B 101 -28.80 33.05 9.69
N ARG B 102 -28.73 31.95 10.43
CA ARG B 102 -28.64 32.04 11.88
C ARG B 102 -27.35 32.75 12.29
N ASP B 103 -27.44 33.56 13.36
CA ASP B 103 -26.31 34.25 13.96
C ASP B 103 -25.67 35.24 13.00
N GLY B 104 -26.44 35.76 12.05
CA GLY B 104 -25.89 36.68 11.09
C GLY B 104 -24.92 36.06 10.12
N GLY B 105 -24.85 34.73 10.06
CA GLY B 105 -23.98 34.08 9.10
C GLY B 105 -24.77 33.32 8.07
N ARG B 106 -24.20 32.23 7.55
CA ARG B 106 -24.87 31.38 6.57
C ARG B 106 -24.61 29.93 6.94
N GLY B 107 -25.61 29.09 6.72
CA GLY B 107 -25.48 27.68 7.02
C GLY B 107 -26.33 26.85 6.09
N VAL B 108 -25.94 25.59 5.92
CA VAL B 108 -26.70 24.68 5.07
C VAL B 108 -26.38 23.25 5.48
N TYR B 109 -27.36 22.36 5.32
CA TYR B 109 -27.26 20.96 5.66
C TYR B 109 -27.28 20.11 4.40
N PHE B 110 -26.59 18.99 4.44
CA PHE B 110 -26.54 18.04 3.34
C PHE B 110 -26.18 16.68 3.91
N GLU B 111 -26.13 15.68 3.05
CA GLU B 111 -25.85 14.31 3.48
C GLU B 111 -24.66 13.73 2.73
N ASP B 112 -23.92 12.87 3.41
CA ASP B 112 -22.93 12.05 2.76
C ASP B 112 -23.65 10.86 2.12
N PRO B 113 -22.94 10.02 1.35
CA PRO B 113 -23.63 8.88 0.71
C PRO B 113 -24.35 7.95 1.67
N SER B 114 -23.94 7.87 2.93
CA SER B 114 -24.60 6.98 3.89
C SER B 114 -25.71 7.66 4.69
N GLY B 115 -26.00 8.94 4.43
CA GLY B 115 -27.13 9.59 5.04
C GLY B 115 -26.86 10.30 6.35
N HIS B 116 -25.60 10.49 6.72
CA HIS B 116 -25.30 11.29 7.90
C HIS B 116 -25.68 12.75 7.67
N ASN B 117 -26.12 13.40 8.75
CA ASN B 117 -26.58 14.79 8.69
C ASN B 117 -25.37 15.70 8.82
N MET B 118 -24.89 16.20 7.68
CA MET B 118 -23.75 17.10 7.65
C MET B 118 -24.22 18.55 7.58
N GLU B 119 -23.41 19.44 8.13
CA GLU B 119 -23.79 20.84 8.26
C GLU B 119 -22.54 21.71 8.09
N ILE B 120 -22.69 22.83 7.39
CA ILE B 120 -21.66 23.85 7.39
C ILE B 120 -22.26 25.16 7.86
N MET B 121 -21.44 25.98 8.49
CA MET B 121 -21.88 27.24 9.08
C MET B 121 -20.70 28.22 9.07
N THR B 122 -21.00 29.50 8.93
CA THR B 122 -19.95 30.51 8.90
C THR B 122 -19.76 31.24 10.23
N ARG B 123 -20.68 31.06 11.18
CA ARG B 123 -20.56 31.71 12.48
C ARG B 123 -20.89 30.69 13.56
N PRO B 124 -20.22 30.75 14.71
CA PRO B 124 -20.54 29.83 15.80
C PRO B 124 -21.98 30.01 16.28
N TYR B 125 -22.58 28.89 16.68
CA TYR B 125 -23.94 28.90 17.19
C TYR B 125 -24.04 29.79 18.41
N GLY B 126 -25.03 30.68 18.41
CA GLY B 126 -25.20 31.61 19.51
C GLY B 126 -24.48 32.92 19.35
N SER B 127 -23.70 33.08 18.27
CA SER B 127 -23.06 34.30 17.76
C SER B 127 -21.69 33.96 17.22
N MET C 1 -25.30 -31.35 -34.59
CA MET C 1 -25.63 -31.20 -33.19
C MET C 1 -24.38 -31.32 -32.32
N ALA C 2 -23.92 -30.20 -31.74
CA ALA C 2 -22.85 -30.25 -30.76
C ALA C 2 -22.72 -28.95 -29.98
N VAL C 3 -22.91 -29.02 -28.66
CA VAL C 3 -22.71 -27.87 -27.80
C VAL C 3 -21.26 -27.87 -27.35
N GLU C 4 -20.50 -26.86 -27.75
CA GLU C 4 -19.09 -26.73 -27.41
C GLU C 4 -18.90 -25.58 -26.44
N LEU C 5 -17.95 -25.74 -25.51
CA LEU C 5 -17.50 -24.61 -24.71
C LEU C 5 -16.50 -23.83 -25.54
N ASN C 6 -16.84 -22.61 -25.92
CA ASN C 6 -16.01 -21.83 -26.83
C ASN C 6 -15.00 -20.95 -26.10
N HIS C 7 -15.40 -20.33 -24.99
CA HIS C 7 -14.43 -19.56 -24.22
C HIS C 7 -14.94 -19.37 -22.80
N THR C 8 -14.00 -19.05 -21.92
CA THR C 8 -14.30 -18.77 -20.52
C THR C 8 -13.28 -17.75 -20.02
N ILE C 9 -13.70 -16.93 -19.05
CA ILE C 9 -12.86 -15.87 -18.49
C ILE C 9 -12.18 -16.39 -17.23
N VAL C 10 -10.90 -16.03 -17.08
CA VAL C 10 -10.17 -16.27 -15.84
C VAL C 10 -9.64 -14.93 -15.36
N LEU C 11 -10.06 -14.52 -14.17
CA LEU C 11 -9.65 -13.24 -13.60
C LEU C 11 -8.29 -13.38 -12.92
N VAL C 12 -7.39 -12.43 -13.19
CA VAL C 12 -6.04 -12.44 -12.67
C VAL C 12 -5.61 -11.02 -12.32
N LYS C 13 -4.52 -10.93 -11.55
CA LYS C 13 -3.95 -9.62 -11.22
C LYS C 13 -3.42 -8.92 -12.46
N ASP C 14 -2.82 -9.67 -13.38
CA ASP C 14 -2.17 -9.12 -14.57
C ASP C 14 -2.43 -10.09 -15.71
N LYS C 15 -3.32 -9.71 -16.62
CA LYS C 15 -3.72 -10.62 -17.69
C LYS C 15 -2.55 -10.96 -18.61
N ASP C 16 -1.66 -9.99 -18.84
CA ASP C 16 -0.52 -10.24 -19.72
C ASP C 16 0.49 -11.17 -19.04
N ALA C 17 0.76 -10.94 -17.75
CA ALA C 17 1.68 -11.80 -17.02
C ALA C 17 1.19 -13.24 -16.99
N SER C 18 -0.10 -13.43 -16.68
CA SER C 18 -0.63 -14.78 -16.56
C SER C 18 -0.73 -15.48 -17.92
N ALA C 19 -1.25 -14.77 -18.93
CA ALA C 19 -1.40 -15.38 -20.24
C ALA C 19 -0.04 -15.73 -20.84
N THR C 20 0.95 -14.85 -20.67
CA THR C 20 2.27 -15.11 -21.22
C THR C 20 2.95 -16.26 -20.49
N PHE C 21 2.81 -16.31 -19.17
CA PHE C 21 3.35 -17.43 -18.40
C PHE C 21 2.79 -18.76 -18.90
N MET C 22 1.47 -18.81 -19.12
CA MET C 22 0.84 -20.05 -19.54
C MET C 22 1.21 -20.41 -20.97
N ALA C 23 1.21 -19.43 -21.87
CA ALA C 23 1.57 -19.70 -23.26
C ALA C 23 3.01 -20.17 -23.37
N ASP C 24 3.93 -19.48 -22.69
CA ASP C 24 5.33 -19.90 -22.69
C ASP C 24 5.48 -21.31 -22.14
N LEU C 25 4.86 -21.58 -20.99
CA LEU C 25 5.00 -22.89 -20.36
C LEU C 25 4.41 -24.00 -21.23
N LEU C 26 3.22 -23.76 -21.77
CA LEU C 26 2.55 -24.77 -22.57
C LEU C 26 3.08 -24.87 -24.00
N GLY C 27 4.01 -24.00 -24.39
CA GLY C 27 4.58 -24.07 -25.72
C GLY C 27 3.70 -23.51 -26.82
N LEU C 28 2.83 -22.56 -26.49
CA LEU C 28 1.87 -21.98 -27.40
C LEU C 28 2.36 -20.63 -27.89
N PRO C 29 1.81 -20.12 -29.00
CA PRO C 29 2.16 -18.77 -29.43
C PRO C 29 1.82 -17.74 -28.37
N LYS C 30 2.41 -16.56 -28.51
CA LYS C 30 2.12 -15.47 -27.58
C LYS C 30 0.61 -15.19 -27.57
N PRO C 31 0.04 -14.86 -26.41
CA PRO C 31 -1.40 -14.62 -26.35
C PRO C 31 -1.82 -13.45 -27.23
N LYS C 32 -3.08 -13.49 -27.66
CA LYS C 32 -3.64 -12.44 -28.50
C LYS C 32 -4.35 -11.42 -27.64
N GLU C 33 -4.17 -10.15 -27.97
CA GLU C 33 -4.89 -9.07 -27.30
C GLU C 33 -6.25 -8.88 -27.97
N MET C 34 -7.30 -8.89 -27.16
CA MET C 34 -8.67 -8.67 -27.66
C MET C 34 -9.41 -7.89 -26.58
N GLY C 35 -9.55 -6.58 -26.78
CA GLY C 35 -10.18 -5.74 -25.80
C GLY C 35 -9.48 -5.82 -24.47
N PRO C 36 -10.24 -6.09 -23.40
CA PRO C 36 -9.62 -6.19 -22.07
C PRO C 36 -9.07 -7.57 -21.78
N PHE C 37 -8.89 -8.39 -22.80
CA PHE C 37 -8.50 -9.78 -22.63
C PHE C 37 -7.15 -10.08 -23.27
N ALA C 38 -6.42 -10.99 -22.63
CA ALA C 38 -5.29 -11.68 -23.24
C ALA C 38 -5.75 -13.11 -23.48
N VAL C 39 -5.79 -13.52 -24.75
CA VAL C 39 -6.48 -14.73 -25.17
C VAL C 39 -5.47 -15.87 -25.31
N LEU C 40 -5.73 -16.97 -24.61
CA LEU C 40 -4.95 -18.20 -24.72
C LEU C 40 -5.80 -19.23 -25.45
N GLN C 41 -5.45 -19.52 -26.70
CA GLN C 41 -6.22 -20.44 -27.54
C GLN C 41 -5.71 -21.86 -27.35
N LEU C 42 -6.61 -22.75 -26.96
CA LEU C 42 -6.29 -24.17 -26.87
C LEU C 42 -6.75 -24.89 -28.13
N ALA C 43 -6.30 -26.15 -28.27
CA ALA C 43 -6.45 -26.85 -29.54
C ALA C 43 -7.89 -27.32 -29.77
N ASN C 44 -8.64 -27.57 -28.71
CA ASN C 44 -9.98 -28.15 -28.87
C ASN C 44 -11.05 -27.07 -28.94
N ASP C 45 -10.79 -26.05 -29.76
CA ASP C 45 -11.78 -25.03 -30.10
C ASP C 45 -12.32 -24.33 -28.85
N VAL C 46 -11.43 -24.07 -27.89
CA VAL C 46 -11.79 -23.33 -26.68
C VAL C 46 -10.63 -22.42 -26.33
N SER C 47 -10.95 -21.22 -25.83
CA SER C 47 -9.96 -20.25 -25.42
C SER C 47 -10.21 -19.82 -23.98
N ILE C 48 -9.14 -19.53 -23.26
CA ILE C 48 -9.19 -18.89 -21.95
C ILE C 48 -8.94 -17.41 -22.14
N LEU C 49 -9.85 -16.58 -21.65
CA LEU C 49 -9.74 -15.13 -21.74
C LEU C 49 -9.26 -14.61 -20.39
N PHE C 50 -7.97 -14.30 -20.29
CA PHE C 50 -7.43 -13.71 -19.08
C PHE C 50 -7.81 -12.24 -19.00
N MET C 51 -8.29 -11.82 -17.83
CA MET C 51 -8.84 -10.49 -17.64
C MET C 51 -8.33 -9.93 -16.32
N ASP C 52 -7.96 -8.64 -16.31
CA ASP C 52 -7.49 -8.01 -15.09
C ASP C 52 -8.63 -7.92 -14.08
N PHE C 53 -8.35 -8.37 -12.86
CA PHE C 53 -9.33 -8.29 -11.78
C PHE C 53 -9.49 -6.84 -11.33
N ARG C 54 -10.75 -6.37 -11.25
CA ARG C 54 -11.06 -5.01 -10.86
C ARG C 54 -11.56 -4.91 -9.42
N GLY C 55 -11.83 -6.03 -8.76
CA GLY C 55 -12.32 -5.99 -7.40
C GLY C 55 -11.27 -5.49 -6.42
N GLU C 56 -11.64 -5.56 -5.15
CA GLU C 56 -10.82 -5.04 -4.05
C GLU C 56 -9.97 -6.11 -3.37
N GLY C 57 -10.52 -7.29 -3.15
CA GLY C 57 -9.81 -8.33 -2.44
C GLY C 57 -8.80 -9.05 -3.31
N ASP C 58 -8.53 -10.30 -2.96
CA ASP C 58 -7.57 -11.12 -3.68
C ASP C 58 -8.29 -12.00 -4.69
N ILE C 59 -7.51 -12.63 -5.57
CA ILE C 59 -8.07 -13.50 -6.59
C ILE C 59 -8.65 -14.75 -5.93
N VAL C 60 -9.86 -15.12 -6.35
CA VAL C 60 -10.42 -16.41 -5.98
C VAL C 60 -9.82 -17.46 -6.92
N PRO C 61 -8.99 -18.36 -6.41
CA PRO C 61 -8.30 -19.30 -7.30
C PRO C 61 -9.27 -20.29 -7.93
N GLY C 62 -9.11 -20.50 -9.23
CA GLY C 62 -9.86 -21.48 -9.97
C GLY C 62 -9.01 -22.69 -10.32
N HIS C 63 -9.53 -23.50 -11.23
CA HIS C 63 -8.86 -24.72 -11.67
C HIS C 63 -9.04 -24.87 -13.16
N CYS C 64 -7.92 -24.97 -13.88
CA CYS C 64 -7.92 -25.32 -15.30
C CYS C 64 -6.98 -26.49 -15.48
N ALA C 65 -7.45 -27.54 -16.16
CA ALA C 65 -6.65 -28.72 -16.41
C ALA C 65 -6.54 -28.96 -17.90
N PHE C 66 -5.32 -29.27 -18.35
CA PHE C 66 -5.00 -29.40 -19.76
C PHE C 66 -4.57 -30.83 -20.06
N LEU C 67 -5.13 -31.39 -21.13
CA LEU C 67 -4.77 -32.72 -21.61
C LEU C 67 -3.76 -32.58 -22.73
N ILE C 68 -2.61 -33.24 -22.59
CA ILE C 68 -1.50 -33.10 -23.52
C ILE C 68 -0.95 -34.49 -23.85
N SER C 69 -0.16 -34.54 -24.93
CA SER C 69 0.48 -35.78 -25.34
C SER C 69 1.70 -36.07 -24.47
N ASP C 70 2.21 -37.30 -24.60
CA ASP C 70 3.40 -37.70 -23.86
C ASP C 70 4.59 -36.83 -24.25
N GLU C 71 4.78 -36.58 -25.54
CA GLU C 71 5.88 -35.73 -25.98
C GLU C 71 5.71 -34.31 -25.47
N GLU C 72 4.47 -33.81 -25.45
CA GLU C 72 4.23 -32.46 -24.95
C GLU C 72 4.51 -32.39 -23.45
N PHE C 73 4.19 -33.45 -22.71
CA PHE C 73 4.51 -33.46 -21.28
C PHE C 73 6.01 -33.33 -21.04
N ASP C 74 6.82 -34.06 -21.80
CA ASP C 74 8.27 -33.96 -21.63
C ASP C 74 8.75 -32.53 -21.89
N GLN C 75 8.17 -31.86 -22.89
CA GLN C 75 8.57 -30.49 -23.18
C GLN C 75 8.09 -29.53 -22.10
N ILE C 76 6.81 -29.65 -21.71
CA ILE C 76 6.23 -28.70 -20.75
C ILE C 76 6.82 -28.93 -19.36
N PHE C 77 6.87 -30.18 -18.91
CA PHE C 77 7.50 -30.45 -17.62
C PHE C 77 8.97 -30.11 -17.64
N GLY C 78 9.63 -30.24 -18.79
CA GLY C 78 11.01 -29.78 -18.90
C GLY C 78 11.13 -28.29 -18.60
N ARG C 79 10.18 -27.49 -19.08
CA ARG C 79 10.19 -26.06 -18.78
C ARG C 79 9.83 -25.79 -17.34
N ILE C 80 8.96 -26.61 -16.73
CA ILE C 80 8.67 -26.46 -15.31
C ILE C 80 9.93 -26.67 -14.49
N ARG C 81 10.69 -27.72 -14.82
CA ARG C 81 11.93 -28.02 -14.10
C ARG C 81 12.98 -26.95 -14.35
N GLU C 82 13.21 -26.60 -15.61
CA GLU C 82 14.28 -25.66 -15.94
C GLU C 82 13.98 -24.25 -15.42
N GLY C 83 12.71 -23.88 -15.33
CA GLY C 83 12.33 -22.58 -14.82
C GLY C 83 12.17 -22.49 -13.33
N GLY C 84 12.38 -23.59 -12.61
CA GLY C 84 12.17 -23.56 -11.16
C GLY C 84 10.74 -23.29 -10.76
N ILE C 85 9.78 -23.76 -11.55
CA ILE C 85 8.37 -23.52 -11.27
C ILE C 85 7.91 -24.51 -10.21
N GLU C 86 7.32 -24.00 -9.13
CA GLU C 86 6.82 -24.84 -8.07
C GLU C 86 5.73 -25.77 -8.59
N HIS C 87 5.80 -27.04 -8.23
CA HIS C 87 4.84 -28.00 -8.77
C HIS C 87 4.56 -29.08 -7.73
N TRP C 88 3.44 -29.78 -7.95
CA TRP C 88 2.96 -30.80 -7.03
C TRP C 88 2.32 -31.93 -7.83
N ALA C 89 2.31 -33.13 -7.24
CA ALA C 89 1.65 -34.25 -7.88
C ALA C 89 0.14 -34.25 -7.66
N ASP C 90 -0.35 -33.45 -6.71
CA ASP C 90 -1.73 -33.55 -6.25
C ASP C 90 -2.38 -32.18 -6.24
N CYS C 91 -3.71 -32.20 -6.33
CA CYS C 91 -4.48 -30.97 -6.39
C CYS C 91 -4.38 -30.18 -5.09
N TYR C 92 -4.18 -30.86 -3.97
CA TYR C 92 -4.09 -30.19 -2.67
C TYR C 92 -2.69 -29.72 -2.32
N HIS C 93 -1.71 -29.96 -3.20
CA HIS C 93 -0.34 -29.45 -3.05
C HIS C 93 0.36 -30.00 -1.81
N ARG C 94 0.06 -31.24 -1.43
CA ARG C 94 0.77 -31.87 -0.32
C ARG C 94 1.97 -32.69 -0.78
N GLU C 95 2.16 -32.86 -2.09
CA GLU C 95 3.26 -33.66 -2.64
C GLU C 95 4.11 -32.78 -3.54
N PRO C 96 4.91 -31.88 -2.96
CA PRO C 96 5.71 -30.96 -3.77
C PRO C 96 6.85 -31.68 -4.47
N GLY C 97 7.21 -31.15 -5.64
CA GLY C 97 8.32 -31.70 -6.39
C GLY C 97 8.08 -33.09 -6.92
N ARG C 98 6.83 -33.45 -7.19
CA ARG C 98 6.49 -34.79 -7.67
C ARG C 98 5.50 -34.66 -8.81
N ILE C 99 5.42 -35.71 -9.62
CA ILE C 99 4.37 -35.87 -10.60
C ILE C 99 3.57 -37.11 -10.25
N ASN C 100 2.33 -37.15 -10.69
CA ASN C 100 1.47 -38.31 -10.44
C ASN C 100 1.49 -39.25 -11.64
N ASP C 101 0.96 -40.45 -11.42
CA ASP C 101 0.89 -41.50 -12.44
C ASP C 101 -0.55 -41.94 -12.64
N ARG C 102 -1.48 -41.00 -12.50
CA ARG C 102 -2.90 -41.31 -12.57
C ARG C 102 -3.24 -41.89 -13.95
N ASP C 103 -4.09 -42.93 -13.94
CA ASP C 103 -4.60 -43.53 -15.17
C ASP C 103 -3.51 -44.09 -16.07
N GLY C 104 -2.38 -44.49 -15.49
CA GLY C 104 -1.28 -44.95 -16.30
C GLY C 104 -0.60 -43.88 -17.12
N GLY C 105 -0.89 -42.61 -16.84
CA GLY C 105 -0.26 -41.51 -17.54
C GLY C 105 0.63 -40.72 -16.60
N ARG C 106 0.78 -39.42 -16.86
CA ARG C 106 1.56 -38.55 -16.01
C ARG C 106 0.82 -37.23 -15.85
N GLY C 107 0.91 -36.65 -14.65
CA GLY C 107 0.24 -35.40 -14.38
C GLY C 107 1.02 -34.59 -13.36
N VAL C 108 0.81 -33.29 -13.40
CA VAL C 108 1.46 -32.40 -12.44
C VAL C 108 0.67 -31.11 -12.33
N TYR C 109 0.71 -30.50 -11.15
CA TYR C 109 0.00 -29.27 -10.84
C TYR C 109 1.00 -28.13 -10.63
N PHE C 110 0.59 -26.93 -10.99
CA PHE C 110 1.40 -25.73 -10.80
C PHE C 110 0.46 -24.55 -10.75
N GLU C 111 1.02 -23.36 -10.54
CA GLU C 111 0.23 -22.15 -10.43
C GLU C 111 0.68 -21.10 -11.43
N ASP C 112 -0.27 -20.29 -11.89
CA ASP C 112 0.04 -19.09 -12.63
C ASP C 112 0.41 -18.00 -11.63
N PRO C 113 0.86 -16.83 -12.10
CA PRO C 113 1.26 -15.78 -11.14
C PRO C 113 0.16 -15.36 -10.17
N SER C 114 -1.11 -15.55 -10.50
CA SER C 114 -2.19 -15.16 -9.59
C SER C 114 -2.66 -16.30 -8.68
N GLY C 115 -2.04 -17.47 -8.78
CA GLY C 115 -2.34 -18.54 -7.84
C GLY C 115 -3.44 -19.49 -8.26
N HIS C 116 -3.89 -19.44 -9.51
CA HIS C 116 -4.85 -20.42 -9.99
C HIS C 116 -4.21 -21.81 -10.03
N ASN C 117 -5.03 -22.83 -9.76
CA ASN C 117 -4.57 -24.21 -9.70
C ASN C 117 -4.58 -24.78 -11.12
N MET C 118 -3.42 -24.81 -11.76
CA MET C 118 -3.27 -25.34 -13.10
C MET C 118 -2.79 -26.78 -13.05
N GLU C 119 -3.16 -27.56 -14.06
CA GLU C 119 -2.88 -28.97 -14.08
C GLU C 119 -2.64 -29.41 -15.51
N ILE C 120 -1.65 -30.29 -15.71
CA ILE C 120 -1.50 -30.97 -16.99
C ILE C 120 -1.55 -32.47 -16.74
N MET C 121 -2.02 -33.19 -17.76
CA MET C 121 -2.22 -34.64 -17.66
C MET C 121 -2.08 -35.23 -19.05
N THR C 122 -1.58 -36.46 -19.14
CA THR C 122 -1.40 -37.11 -20.43
C THR C 122 -2.50 -38.10 -20.77
N ARG C 123 -3.37 -38.43 -19.81
CA ARG C 123 -4.46 -39.37 -20.05
C ARG C 123 -5.73 -38.81 -19.43
N PRO C 124 -6.88 -39.02 -20.05
CA PRO C 124 -8.13 -38.54 -19.46
C PRO C 124 -8.40 -39.20 -18.12
N TYR C 125 -9.02 -38.44 -17.22
CA TYR C 125 -9.35 -38.95 -15.90
C TYR C 125 -10.30 -40.14 -16.00
N GLY C 126 -9.96 -41.21 -15.32
CA GLY C 126 -10.75 -42.43 -15.36
C GLY C 126 -10.34 -43.41 -16.43
N SER C 127 -9.35 -43.04 -17.27
CA SER C 127 -8.62 -43.86 -18.24
C SER C 127 -8.35 -43.04 -19.49
N ALA D 2 17.54 35.49 -22.74
CA ALA D 2 17.81 34.21 -22.10
C ALA D 2 16.51 33.63 -21.49
N VAL D 3 16.15 32.43 -21.93
CA VAL D 3 14.90 31.80 -21.55
C VAL D 3 15.06 31.11 -20.20
N GLU D 4 14.24 31.51 -19.23
CA GLU D 4 14.29 30.96 -17.87
C GLU D 4 13.10 30.06 -17.63
N LEU D 5 13.31 28.99 -16.87
CA LEU D 5 12.18 28.22 -16.34
C LEU D 5 11.70 28.92 -15.07
N ASN D 6 10.48 29.45 -15.11
CA ASN D 6 9.98 30.26 -14.00
C ASN D 6 9.20 29.47 -12.96
N HIS D 7 8.37 28.51 -13.36
CA HIS D 7 7.70 27.67 -12.39
C HIS D 7 7.26 26.37 -13.04
N THR D 8 7.02 25.37 -12.20
CA THR D 8 6.53 24.08 -12.63
C THR D 8 5.67 23.51 -11.52
N ILE D 9 4.69 22.69 -11.90
CA ILE D 9 3.75 22.09 -10.96
C ILE D 9 4.22 20.70 -10.58
N VAL D 10 4.09 20.36 -9.30
CA VAL D 10 4.31 19.02 -8.81
C VAL D 10 3.05 18.57 -8.09
N LEU D 11 2.44 17.50 -8.58
CA LEU D 11 1.21 16.95 -7.99
C LEU D 11 1.56 16.06 -6.81
N VAL D 12 0.84 16.25 -5.69
CA VAL D 12 1.09 15.51 -4.47
C VAL D 12 -0.24 15.17 -3.80
N LYS D 13 -0.19 14.24 -2.85
CA LYS D 13 -1.38 13.89 -2.09
C LYS D 13 -1.86 15.07 -1.25
N ASP D 14 -0.93 15.83 -0.69
CA ASP D 14 -1.24 16.92 0.23
C ASP D 14 -0.22 18.02 -0.02
N LYS D 15 -0.65 19.10 -0.68
CA LYS D 15 0.30 20.14 -1.09
C LYS D 15 0.96 20.80 0.11
N ASP D 16 0.21 20.99 1.20
CA ASP D 16 0.80 21.61 2.38
C ASP D 16 1.81 20.69 3.06
N ALA D 17 1.47 19.40 3.16
CA ALA D 17 2.40 18.44 3.76
C ALA D 17 3.70 18.36 2.99
N SER D 18 3.61 18.29 1.66
CA SER D 18 4.83 18.14 0.86
C SER D 18 5.63 19.43 0.83
N ALA D 19 4.97 20.58 0.63
CA ALA D 19 5.71 21.84 0.57
C ALA D 19 6.38 22.15 1.91
N THR D 20 5.68 21.89 3.02
CA THR D 20 6.28 22.16 4.33
C THR D 20 7.43 21.20 4.62
N PHE D 21 7.26 19.92 4.29
CA PHE D 21 8.34 18.96 4.45
C PHE D 21 9.59 19.42 3.70
N MET D 22 9.42 19.85 2.44
CA MET D 22 10.56 20.25 1.63
C MET D 22 11.17 21.55 2.13
N ALA D 23 10.33 22.52 2.51
CA ALA D 23 10.85 23.79 3.01
C ALA D 23 11.62 23.59 4.31
N ASP D 24 11.05 22.84 5.25
CA ASP D 24 11.74 22.57 6.51
C ASP D 24 13.06 21.85 6.28
N LEU D 25 13.04 20.79 5.45
CA LEU D 25 14.25 20.01 5.23
C LEU D 25 15.32 20.82 4.53
N LEU D 26 14.94 21.58 3.49
CA LEU D 26 15.91 22.36 2.74
C LEU D 26 16.32 23.66 3.44
N GLY D 27 15.71 23.99 4.57
CA GLY D 27 16.08 25.19 5.29
C GLY D 27 15.54 26.47 4.70
N LEU D 28 14.41 26.40 3.99
CA LEU D 28 13.81 27.52 3.31
C LEU D 28 12.64 28.09 4.11
N PRO D 29 12.22 29.32 3.83
CA PRO D 29 11.06 29.88 4.52
C PRO D 29 9.81 29.04 4.28
N LYS D 30 8.81 29.25 5.13
CA LYS D 30 7.55 28.54 4.99
C LYS D 30 6.97 28.79 3.60
N PRO D 31 6.38 27.78 2.98
CA PRO D 31 5.81 27.96 1.64
C PRO D 31 4.68 28.97 1.64
N LYS D 32 4.49 29.63 0.50
CA LYS D 32 3.46 30.64 0.33
C LYS D 32 2.22 29.99 -0.28
N GLU D 33 1.05 30.37 0.24
CA GLU D 33 -0.20 29.91 -0.34
C GLU D 33 -0.58 30.84 -1.48
N MET D 34 -0.84 30.27 -2.66
CA MET D 34 -1.23 31.04 -3.83
C MET D 34 -2.27 30.22 -4.58
N GLY D 35 -3.54 30.57 -4.41
CA GLY D 35 -4.62 29.83 -5.01
C GLY D 35 -4.60 28.38 -4.58
N PRO D 36 -4.63 27.46 -5.55
CA PRO D 36 -4.60 26.04 -5.21
C PRO D 36 -3.19 25.50 -5.06
N PHE D 37 -2.21 26.37 -4.88
CA PHE D 37 -0.81 25.97 -4.85
C PHE D 37 -0.17 26.32 -3.52
N ALA D 38 0.76 25.47 -3.10
CA ALA D 38 1.72 25.79 -2.05
C ALA D 38 3.07 25.99 -2.74
N VAL D 39 3.61 27.20 -2.65
CA VAL D 39 4.70 27.64 -3.50
C VAL D 39 6.01 27.49 -2.75
N LEU D 40 6.96 26.75 -3.34
CA LEU D 40 8.32 26.61 -2.83
C LEU D 40 9.24 27.39 -3.75
N GLN D 41 9.74 28.52 -3.28
CA GLN D 41 10.57 29.40 -4.09
C GLN D 41 12.04 28.99 -3.93
N LEU D 42 12.69 28.69 -5.05
CA LEU D 42 14.13 28.42 -5.05
C LEU D 42 14.90 29.67 -5.46
N ALA D 43 16.21 29.62 -5.25
CA ALA D 43 17.02 30.83 -5.35
C ALA D 43 17.23 31.28 -6.80
N ASN D 44 17.19 30.35 -7.75
CA ASN D 44 17.51 30.68 -9.14
C ASN D 44 16.26 31.02 -9.96
N ASP D 45 15.39 31.85 -9.37
CA ASP D 45 14.24 32.43 -10.08
C ASP D 45 13.32 31.35 -10.64
N VAL D 46 13.13 30.27 -9.89
CA VAL D 46 12.20 29.22 -10.26
C VAL D 46 11.48 28.76 -9.00
N SER D 47 10.19 28.45 -9.13
CA SER D 47 9.38 27.98 -8.02
C SER D 47 8.74 26.65 -8.39
N ILE D 48 8.59 25.80 -7.38
CA ILE D 48 7.78 24.58 -7.50
C ILE D 48 6.42 24.87 -6.91
N LEU D 49 5.37 24.62 -7.70
CA LEU D 49 3.99 24.82 -7.28
C LEU D 49 3.43 23.45 -6.90
N PHE D 50 3.39 23.17 -5.60
CA PHE D 50 2.77 21.93 -5.12
C PHE D 50 1.26 22.06 -5.19
N MET D 51 0.60 21.04 -5.72
CA MET D 51 -0.83 21.06 -5.98
C MET D 51 -1.44 19.72 -5.57
N ASP D 52 -2.63 19.77 -4.96
CA ASP D 52 -3.31 18.55 -4.56
C ASP D 52 -3.72 17.72 -5.78
N PHE D 53 -3.37 16.45 -5.76
CA PHE D 53 -3.78 15.54 -6.82
C PHE D 53 -5.27 15.28 -6.74
N ARG D 54 -5.97 15.43 -7.87
CA ARG D 54 -7.41 15.25 -7.94
C ARG D 54 -7.84 13.91 -8.52
N GLY D 55 -6.92 13.14 -9.08
CA GLY D 55 -7.27 11.85 -9.64
C GLY D 55 -7.59 10.83 -8.55
N GLU D 56 -7.85 9.60 -9.02
CA GLU D 56 -8.23 8.50 -8.15
C GLU D 56 -7.07 7.58 -7.82
N GLY D 57 -6.19 7.33 -8.77
CA GLY D 57 -5.09 6.40 -8.59
C GLY D 57 -3.96 6.98 -7.75
N ASP D 58 -2.76 6.48 -8.00
CA ASP D 58 -1.59 6.89 -7.24
C ASP D 58 -0.81 7.98 -7.96
N ILE D 59 0.08 8.62 -7.20
CA ILE D 59 0.95 9.66 -7.76
C ILE D 59 1.98 9.02 -8.67
N VAL D 60 2.19 9.61 -9.83
CA VAL D 60 3.32 9.24 -10.67
C VAL D 60 4.54 9.97 -10.13
N PRO D 61 5.51 9.27 -9.56
CA PRO D 61 6.65 9.96 -8.92
C PRO D 61 7.51 10.67 -9.96
N GLY D 62 7.87 11.91 -9.64
CA GLY D 62 8.79 12.68 -10.44
C GLY D 62 10.16 12.79 -9.79
N HIS D 63 10.96 13.71 -10.32
CA HIS D 63 12.32 13.92 -9.84
C HIS D 63 12.61 15.41 -9.84
N CYS D 64 13.00 15.93 -8.68
CA CYS D 64 13.52 17.29 -8.53
C CYS D 64 14.86 17.21 -7.83
N ALA D 65 15.87 17.85 -8.40
CA ALA D 65 17.20 17.87 -7.82
C ALA D 65 17.63 19.30 -7.55
N PHE D 66 18.22 19.51 -6.38
CA PHE D 66 18.55 20.83 -5.89
C PHE D 66 20.06 20.97 -5.71
N LEU D 67 20.61 22.07 -6.23
CA LEU D 67 22.01 22.40 -6.06
C LEU D 67 22.15 23.33 -4.86
N ILE D 68 23.00 22.94 -3.90
CA ILE D 68 23.12 23.64 -2.62
C ILE D 68 24.60 23.83 -2.31
N SER D 69 24.86 24.69 -1.33
CA SER D 69 26.23 24.94 -0.88
C SER D 69 26.71 23.80 0.03
N ASP D 70 28.01 23.78 0.27
CA ASP D 70 28.58 22.76 1.16
C ASP D 70 28.02 22.88 2.58
N GLU D 71 27.94 24.10 3.10
CA GLU D 71 27.40 24.29 4.44
C GLU D 71 25.94 23.87 4.51
N GLU D 72 25.18 24.15 3.44
CA GLU D 72 23.78 23.72 3.41
C GLU D 72 23.66 22.20 3.36
N PHE D 73 24.59 21.51 2.68
CA PHE D 73 24.54 20.05 2.70
C PHE D 73 24.70 19.52 4.12
N ASP D 74 25.64 20.08 4.89
CA ASP D 74 25.82 19.65 6.26
C ASP D 74 24.55 19.88 7.08
N GLN D 75 23.87 21.00 6.85
CA GLN D 75 22.65 21.30 7.58
C GLN D 75 21.51 20.39 7.13
N ILE D 76 21.33 20.21 5.82
CA ILE D 76 20.20 19.44 5.31
C ILE D 76 20.39 17.96 5.59
N PHE D 77 21.59 17.43 5.31
CA PHE D 77 21.85 16.04 5.64
C PHE D 77 21.79 15.81 7.15
N GLY D 78 22.18 16.81 7.94
CA GLY D 78 22.00 16.72 9.38
C GLY D 78 20.54 16.53 9.77
N ARG D 79 19.64 17.25 9.09
CA ARG D 79 18.22 17.08 9.36
C ARG D 79 17.71 15.74 8.86
N ILE D 80 18.28 15.23 7.77
CA ILE D 80 17.90 13.91 7.27
C ILE D 80 18.23 12.83 8.30
N ARG D 81 19.45 12.87 8.85
CA ARG D 81 19.84 11.84 9.81
C ARG D 81 19.09 12.01 11.14
N GLU D 82 19.00 13.24 11.65
CA GLU D 82 18.37 13.43 12.95
C GLU D 82 16.87 13.12 12.88
N GLY D 83 16.26 13.33 11.72
CA GLY D 83 14.85 13.03 11.54
C GLY D 83 14.55 11.61 11.16
N GLY D 84 15.58 10.77 11.03
CA GLY D 84 15.37 9.39 10.60
C GLY D 84 14.79 9.28 9.21
N ILE D 85 15.13 10.19 8.31
CA ILE D 85 14.61 10.20 6.96
C ILE D 85 15.37 9.17 6.12
N GLU D 86 14.63 8.26 5.49
CA GLU D 86 15.26 7.28 4.62
C GLU D 86 15.92 7.98 3.44
N HIS D 87 17.14 7.58 3.11
CA HIS D 87 17.88 8.25 2.05
C HIS D 87 18.76 7.24 1.32
N TRP D 88 19.21 7.65 0.13
CA TRP D 88 20.00 6.79 -0.75
C TRP D 88 21.06 7.63 -1.44
N ALA D 89 22.15 6.97 -1.85
CA ALA D 89 23.20 7.64 -2.59
C ALA D 89 22.90 7.74 -4.09
N ASP D 90 21.91 7.00 -4.58
CA ASP D 90 21.69 6.85 -6.01
C ASP D 90 20.22 7.05 -6.36
N CYS D 91 19.98 7.39 -7.63
CA CYS D 91 18.63 7.67 -8.11
C CYS D 91 17.73 6.45 -8.05
N TYR D 92 18.29 5.25 -8.24
CA TYR D 92 17.50 4.03 -8.23
C TYR D 92 17.35 3.42 -6.85
N HIS D 93 17.91 4.06 -5.82
CA HIS D 93 17.72 3.64 -4.41
C HIS D 93 18.30 2.27 -4.15
N ARG D 94 19.40 1.93 -4.82
CA ARG D 94 20.11 0.69 -4.59
C ARG D 94 21.22 0.82 -3.55
N GLU D 95 21.52 2.04 -3.11
CA GLU D 95 22.56 2.31 -2.12
C GLU D 95 21.95 3.04 -0.93
N PRO D 96 21.15 2.36 -0.12
CA PRO D 96 20.49 3.03 1.01
C PRO D 96 21.45 3.42 2.11
N GLY D 97 21.10 4.48 2.82
CA GLY D 97 21.88 4.93 3.97
C GLY D 97 23.26 5.41 3.65
N ARG D 98 23.48 5.89 2.43
CA ARG D 98 24.78 6.36 1.98
C ARG D 98 24.59 7.67 1.22
N ILE D 99 25.69 8.41 1.10
CA ILE D 99 25.74 9.59 0.24
C ILE D 99 26.74 9.33 -0.87
N ASN D 100 26.58 10.05 -1.97
CA ASN D 100 27.52 9.94 -3.08
C ASN D 100 28.55 11.06 -3.01
N ASP D 101 29.63 10.89 -3.76
CA ASP D 101 30.71 11.87 -3.84
C ASP D 101 30.99 12.25 -5.29
N ARG D 102 29.97 12.18 -6.14
CA ARG D 102 30.13 12.47 -7.56
C ARG D 102 30.54 13.93 -7.79
N ASP D 103 31.35 14.13 -8.82
CA ASP D 103 31.72 15.47 -9.29
C ASP D 103 32.50 16.27 -8.25
N GLY D 104 33.22 15.57 -7.38
CA GLY D 104 33.97 16.23 -6.32
C GLY D 104 33.12 16.87 -5.26
N GLY D 105 31.81 16.62 -5.24
CA GLY D 105 30.94 17.14 -4.21
C GLY D 105 30.32 16.07 -3.35
N ARG D 106 29.12 16.35 -2.85
CA ARG D 106 28.35 15.39 -2.06
C ARG D 106 26.90 15.47 -2.50
N GLY D 107 26.23 14.32 -2.48
CA GLY D 107 24.83 14.26 -2.88
C GLY D 107 24.10 13.15 -2.16
N VAL D 108 22.78 13.31 -2.05
CA VAL D 108 21.96 12.30 -1.41
C VAL D 108 20.53 12.46 -1.92
N TYR D 109 19.81 11.35 -1.95
CA TYR D 109 18.43 11.27 -2.40
C TYR D 109 17.51 10.97 -1.24
N PHE D 110 16.29 11.47 -1.32
CA PHE D 110 15.26 11.23 -0.32
C PHE D 110 13.91 11.42 -1.01
N GLU D 111 12.83 11.18 -0.26
CA GLU D 111 11.50 11.31 -0.82
C GLU D 111 10.67 12.27 0.01
N ASP D 112 9.75 12.96 -0.68
CA ASP D 112 8.72 13.72 0.01
C ASP D 112 7.61 12.77 0.42
N PRO D 113 6.62 13.26 1.19
CA PRO D 113 5.54 12.35 1.62
C PRO D 113 4.80 11.64 0.51
N SER D 114 4.79 12.18 -0.71
CA SER D 114 4.09 11.53 -1.83
C SER D 114 4.99 10.62 -2.65
N GLY D 115 6.26 10.46 -2.28
CA GLY D 115 7.12 9.52 -2.94
C GLY D 115 7.90 10.05 -4.12
N HIS D 116 7.92 11.36 -4.34
CA HIS D 116 8.76 11.93 -5.38
C HIS D 116 10.23 11.74 -5.04
N ASN D 117 11.03 11.54 -6.08
CA ASN D 117 12.46 11.30 -5.91
C ASN D 117 13.17 12.65 -5.84
N MET D 118 13.47 13.08 -4.62
CA MET D 118 14.15 14.34 -4.38
C MET D 118 15.65 14.09 -4.20
N GLU D 119 16.44 15.09 -4.57
CA GLU D 119 17.89 14.94 -4.59
C GLU D 119 18.54 16.27 -4.24
N ILE D 120 19.62 16.22 -3.46
CA ILE D 120 20.46 17.39 -3.25
C ILE D 120 21.88 17.05 -3.69
N MET D 121 22.61 18.08 -4.11
CA MET D 121 23.95 17.96 -4.68
C MET D 121 24.70 19.26 -4.41
N THR D 122 26.01 19.17 -4.22
CA THR D 122 26.81 20.37 -3.96
C THR D 122 27.60 20.85 -5.16
N ARG D 123 27.68 20.07 -6.24
CA ARG D 123 28.40 20.46 -7.43
C ARG D 123 27.57 20.11 -8.66
N PRO D 124 27.65 20.91 -9.72
CA PRO D 124 26.90 20.59 -10.94
C PRO D 124 27.30 19.24 -11.51
N TYR D 125 26.32 18.54 -12.05
CA TYR D 125 26.56 17.22 -12.63
C TYR D 125 27.51 17.35 -13.82
N GLY D 126 28.54 16.51 -13.83
CA GLY D 126 29.53 16.57 -14.89
C GLY D 126 30.73 17.45 -14.61
N SER D 127 30.74 18.14 -13.46
CA SER D 127 31.86 18.86 -12.82
C SER D 127 31.36 20.19 -12.26
FE FE E . 24.82 -21.06 21.58
FE FE F . -8.00 5.89 18.60
FE FE G . -18.32 -13.92 -24.79
FE FE H . 1.57 29.29 -15.00
#